data_7UG9
#
_entry.id   7UG9
#
_cell.length_a   40.289
_cell.length_b   74.389
_cell.length_c   40.079
_cell.angle_alpha   90.000
_cell.angle_beta   118.980
_cell.angle_gamma   90.000
#
_symmetry.space_group_name_H-M   'P 1 21 1'
#
loop_
_entity.id
_entity.type
_entity.pdbx_description
1 polymer "5'-3' exoribonuclease"
2 non-polymer 'MANGANESE (II) ION'
3 non-polymer 'SULFATE ION'
4 water water
#
_entity_poly.entity_id   1
_entity_poly.type   'polypeptide(L)'
_entity_poly.pdbx_seq_one_letter_code
;MSDTNYAVIYDLHSHTTASDGCLTPEALVHRAVEMRVGTLAITDHDTTAAIAPAREEISRSGLALNLIPGVEISTVWENH
EIHIVGLNIDITHPLMCEFLAQQTERRNQRAQLIAERLEKAQIPGALEGAQRLAQGGAVTRGHFARFLVECGKASSMADV
FKKYLARGKTGYVPPQWCTIEQAIDVIHHSGGKAVLAHPGRYNLSAKWLKRLVAHFAEHHGDAMEVAQCQQSPNERTQLA
ALARQHHLWASQGSDFHQPCPWIELGRKLWLPAGVEGVWQLWEQPQNTTEREL
;
_entity_poly.pdbx_strand_id   A
#
# COMPACT_ATOMS: atom_id res chain seq x y z
N ILE A 9 -5.98 -8.39 12.05
CA ILE A 9 -6.31 -7.36 11.07
C ILE A 9 -5.06 -6.89 10.34
N TYR A 10 -5.13 -6.85 9.01
CA TYR A 10 -4.08 -6.27 8.18
C TYR A 10 -4.47 -4.85 7.77
N ASP A 11 -3.54 -3.91 7.92
CA ASP A 11 -3.69 -2.57 7.35
C ASP A 11 -2.39 -2.27 6.61
N LEU A 12 -2.43 -2.32 5.28
CA LEU A 12 -1.22 -2.27 4.47
C LEU A 12 -1.06 -0.94 3.73
N HIS A 13 -1.51 0.17 4.32
CA HIS A 13 -1.35 1.48 3.68
C HIS A 13 -1.49 2.53 4.78
N SER A 14 -0.38 3.16 5.16
CA SER A 14 -0.42 4.17 6.22
C SER A 14 0.76 5.12 6.05
N HIS A 15 0.63 6.31 6.64
CA HIS A 15 1.64 7.36 6.51
C HIS A 15 2.07 7.89 7.87
N THR A 16 3.30 8.40 7.91
CA THR A 16 3.91 8.98 9.10
C THR A 16 4.45 10.35 8.76
N THR A 17 5.03 11.01 9.76
CA THR A 17 5.75 12.26 9.56
C THR A 17 6.91 12.15 8.58
N ALA A 18 7.32 10.94 8.21
CA ALA A 18 8.33 10.81 7.15
C ALA A 18 7.82 11.31 5.82
N SER A 19 6.51 11.20 5.58
CA SER A 19 5.92 11.85 4.40
C SER A 19 4.85 12.82 4.87
N ASP A 20 3.58 12.57 4.57
CA ASP A 20 2.57 13.57 4.88
C ASP A 20 1.62 13.13 5.98
N GLY A 21 2.03 12.18 6.83
CA GLY A 21 1.26 11.86 8.00
C GLY A 21 1.58 12.80 9.15
N CYS A 22 0.72 12.82 10.16
CA CYS A 22 0.92 13.69 11.32
CA CYS A 22 0.97 13.69 11.30
C CYS A 22 1.50 12.97 12.53
N LEU A 23 1.59 11.64 12.51
CA LEU A 23 2.15 10.91 13.64
C LEU A 23 3.54 10.39 13.30
N THR A 24 4.40 10.35 14.32
CA THR A 24 5.71 9.80 14.18
C THR A 24 5.58 8.29 13.95
N PRO A 25 6.62 7.66 13.37
CA PRO A 25 6.59 6.19 13.27
C PRO A 25 6.32 5.55 14.61
N GLU A 26 6.85 6.15 15.68
CA GLU A 26 6.66 5.58 17.00
C GLU A 26 5.22 5.68 17.47
N ALA A 27 4.59 6.84 17.28
CA ALA A 27 3.18 6.98 17.65
C ALA A 27 2.28 6.09 16.81
N LEU A 28 2.60 5.93 15.52
CA LEU A 28 1.74 5.15 14.64
C LEU A 28 1.72 3.67 15.04
N VAL A 29 2.89 3.07 15.34
CA VAL A 29 2.86 1.66 15.70
C VAL A 29 2.06 1.45 16.99
N HIS A 30 2.14 2.39 17.93
CA HIS A 30 1.30 2.26 19.11
C HIS A 30 -0.18 2.39 18.76
N ARG A 31 -0.53 3.33 17.87
CA ARG A 31 -1.93 3.45 17.49
C ARG A 31 -2.42 2.17 16.83
N ALA A 32 -1.56 1.52 16.04
CA ALA A 32 -1.96 0.30 15.37
C ALA A 32 -2.32 -0.78 16.37
N VAL A 33 -1.51 -0.91 17.43
CA VAL A 33 -1.77 -1.93 18.44
C VAL A 33 -3.04 -1.59 19.20
N GLU A 34 -3.26 -0.31 19.50
CA GLU A 34 -4.48 0.10 20.17
C GLU A 34 -5.71 -0.18 19.33
N MET A 35 -5.55 -0.17 17.99
CA MET A 35 -6.64 -0.42 17.08
C MET A 35 -6.77 -1.90 16.77
N ARG A 36 -5.93 -2.73 17.39
CA ARG A 36 -5.94 -4.19 17.22
C ARG A 36 -5.58 -4.60 15.80
N VAL A 37 -4.69 -3.82 15.19
CA VAL A 37 -4.07 -4.19 13.92
C VAL A 37 -2.97 -5.19 14.20
N GLY A 38 -3.00 -6.32 13.49
CA GLY A 38 -1.97 -7.32 13.69
C GLY A 38 -0.75 -7.14 12.81
N THR A 39 -0.99 -6.68 11.58
CA THR A 39 0.08 -6.49 10.62
C THR A 39 -0.14 -5.13 9.96
N LEU A 40 0.90 -4.29 10.02
CA LEU A 40 0.83 -2.91 9.54
C LEU A 40 1.94 -2.69 8.52
N ALA A 41 1.59 -2.12 7.36
CA ALA A 41 2.61 -1.64 6.44
C ALA A 41 2.64 -0.12 6.54
N ILE A 42 3.83 0.44 6.68
CA ILE A 42 4.01 1.87 6.55
C ILE A 42 4.42 2.11 5.10
N THR A 43 3.67 2.99 4.41
CA THR A 43 3.82 3.19 2.97
C THR A 43 3.91 4.70 2.69
N ASP A 44 4.96 5.33 3.20
CA ASP A 44 5.16 6.76 3.01
C ASP A 44 5.47 7.08 1.54
N HIS A 45 5.11 8.30 1.12
CA HIS A 45 5.37 8.74 -0.25
C HIS A 45 6.85 8.79 -0.55
N ASP A 46 7.33 7.90 -1.42
CA ASP A 46 8.68 7.99 -1.97
C ASP A 46 9.76 8.03 -0.89
N THR A 47 9.48 7.46 0.29
CA THR A 47 10.53 7.35 1.30
C THR A 47 10.28 6.08 2.09
N THR A 48 11.36 5.53 2.64
CA THR A 48 11.27 4.44 3.59
C THR A 48 11.78 4.86 4.96
N ALA A 49 11.86 6.17 5.21
CA ALA A 49 12.58 6.63 6.39
C ALA A 49 11.92 6.22 7.70
N ALA A 50 10.63 5.86 7.68
CA ALA A 50 9.94 5.55 8.92
C ALA A 50 10.12 4.10 9.36
N ILE A 51 10.61 3.23 8.48
CA ILE A 51 10.58 1.80 8.79
C ILE A 51 11.52 1.49 9.96
N ALA A 52 12.77 1.95 9.89
CA ALA A 52 13.74 1.61 10.93
C ALA A 52 13.31 2.13 12.30
N PRO A 53 12.86 3.38 12.46
CA PRO A 53 12.38 3.81 13.78
C PRO A 53 11.13 3.07 14.23
N ALA A 54 10.25 2.68 13.30
CA ALA A 54 9.06 1.92 13.68
C ALA A 54 9.45 0.55 14.22
N ARG A 55 10.36 -0.13 13.53
CA ARG A 55 10.86 -1.40 14.05
C ARG A 55 11.51 -1.23 15.41
N GLU A 56 12.26 -0.15 15.60
CA GLU A 56 12.92 0.14 16.87
C GLU A 56 11.91 0.30 17.99
N GLU A 57 10.81 0.99 17.71
CA GLU A 57 9.78 1.20 18.73
C GLU A 57 9.05 -0.08 19.08
N ILE A 58 8.73 -0.89 18.05
CA ILE A 58 8.07 -2.17 18.28
C ILE A 58 8.94 -3.03 19.20
N SER A 59 10.25 -3.05 18.95
CA SER A 59 11.14 -3.83 19.80
C SER A 59 11.25 -3.24 21.19
N ARG A 60 11.50 -1.93 21.30
CA ARG A 60 11.75 -1.37 22.63
C ARG A 60 10.51 -1.42 23.50
N SER A 61 9.32 -1.35 22.92
CA SER A 61 8.06 -1.34 23.64
C SER A 61 7.44 -2.73 23.76
N GLY A 62 8.07 -3.75 23.19
CA GLY A 62 7.54 -5.10 23.23
C GLY A 62 6.22 -5.27 22.53
N LEU A 63 5.94 -4.48 21.49
CA LEU A 63 4.65 -4.59 20.83
C LEU A 63 4.57 -5.87 20.00
N ALA A 64 3.37 -6.44 19.96
CA ALA A 64 3.04 -7.58 19.10
C ALA A 64 2.39 -7.01 17.85
N LEU A 65 3.25 -6.50 16.97
CA LEU A 65 2.83 -5.93 15.70
C LEU A 65 3.84 -6.39 14.67
N ASN A 66 3.36 -6.99 13.58
CA ASN A 66 4.23 -7.30 12.45
C ASN A 66 4.28 -6.09 11.54
N LEU A 67 5.47 -5.54 11.36
CA LEU A 67 5.69 -4.41 10.47
C LEU A 67 6.12 -4.90 9.10
N ILE A 68 5.39 -4.48 8.07
CA ILE A 68 5.71 -4.78 6.67
C ILE A 68 6.37 -3.53 6.08
N PRO A 69 7.63 -3.60 5.67
CA PRO A 69 8.27 -2.42 5.06
C PRO A 69 7.58 -2.11 3.73
N GLY A 70 7.24 -0.84 3.53
CA GLY A 70 6.53 -0.49 2.32
C GLY A 70 6.90 0.90 1.85
N VAL A 71 6.29 1.30 0.73
CA VAL A 71 6.51 2.63 0.16
C VAL A 71 5.35 2.90 -0.77
N GLU A 72 4.99 4.17 -0.93
CA GLU A 72 4.01 4.56 -1.93
C GLU A 72 4.70 5.38 -3.01
N ILE A 73 4.67 4.89 -4.25
CA ILE A 73 5.40 5.48 -5.38
C ILE A 73 4.42 6.22 -6.27
N SER A 74 4.79 7.43 -6.68
CA SER A 74 3.93 8.24 -7.54
C SER A 74 4.33 7.99 -9.00
N THR A 75 3.35 7.63 -9.83
CA THR A 75 3.61 7.32 -11.23
C THR A 75 2.63 8.10 -12.10
N VAL A 76 2.84 8.05 -13.41
CA VAL A 76 1.92 8.62 -14.40
C VAL A 76 1.58 7.55 -15.40
N TRP A 77 0.28 7.44 -15.71
CA TRP A 77 -0.22 6.49 -16.70
C TRP A 77 -1.29 7.21 -17.49
N GLU A 78 -1.08 7.36 -18.79
CA GLU A 78 -2.06 7.98 -19.68
C GLU A 78 -2.49 9.34 -19.13
N ASN A 79 -1.51 10.11 -18.66
CA ASN A 79 -1.65 11.45 -18.09
C ASN A 79 -2.31 11.46 -16.71
N HIS A 80 -2.60 10.31 -16.11
CA HIS A 80 -3.21 10.24 -14.79
C HIS A 80 -2.12 9.98 -13.75
N GLU A 81 -2.17 10.69 -12.63
CA GLU A 81 -1.31 10.34 -11.51
C GLU A 81 -1.83 9.05 -10.86
N ILE A 82 -1.00 8.02 -10.82
CA ILE A 82 -1.37 6.73 -10.26
C ILE A 82 -0.38 6.39 -9.18
N HIS A 83 -0.85 5.84 -8.07
CA HIS A 83 0.00 5.49 -6.95
C HIS A 83 0.16 3.98 -6.87
N ILE A 84 1.40 3.53 -6.77
CA ILE A 84 1.74 2.12 -6.65
C ILE A 84 2.42 1.93 -5.31
N VAL A 85 1.92 1.00 -4.52
CA VAL A 85 2.48 0.71 -3.21
C VAL A 85 3.39 -0.51 -3.39
N GLY A 86 4.58 -0.46 -2.81
CA GLY A 86 5.43 -1.62 -2.73
C GLY A 86 5.34 -2.17 -1.32
N LEU A 87 5.10 -3.46 -1.21
CA LEU A 87 5.03 -4.11 0.11
C LEU A 87 6.11 -5.15 0.26
N ASN A 88 6.65 -5.25 1.49
CA ASN A 88 7.67 -6.23 1.83
C ASN A 88 8.96 -6.00 1.02
N ILE A 89 9.26 -4.74 0.76
CA ILE A 89 10.48 -4.38 0.03
C ILE A 89 11.69 -4.39 0.96
N ASP A 90 12.87 -4.59 0.36
CA ASP A 90 14.14 -4.44 1.08
C ASP A 90 14.57 -2.99 1.00
N ILE A 91 14.42 -2.26 2.10
CA ILE A 91 14.63 -0.82 2.08
C ILE A 91 16.09 -0.43 1.97
N THR A 92 17.02 -1.37 2.11
CA THR A 92 18.44 -1.07 1.97
C THR A 92 18.98 -1.39 0.57
N HIS A 93 18.14 -1.91 -0.32
CA HIS A 93 18.64 -2.27 -1.64
C HIS A 93 19.08 -1.03 -2.39
N PRO A 94 20.28 -1.02 -2.97
CA PRO A 94 20.76 0.19 -3.64
C PRO A 94 19.86 0.69 -4.75
N LEU A 95 19.17 -0.20 -5.46
CA LEU A 95 18.28 0.28 -6.53
C LEU A 95 17.06 1.00 -5.96
N MET A 96 16.47 0.44 -4.90
CA MET A 96 15.38 1.14 -4.23
C MET A 96 15.80 2.52 -3.75
N CYS A 97 16.92 2.61 -3.04
CA CYS A 97 17.38 3.92 -2.57
C CYS A 97 17.61 4.89 -3.73
N GLU A 98 18.24 4.41 -4.81
CA GLU A 98 18.48 5.26 -5.96
C GLU A 98 17.17 5.72 -6.57
N PHE A 99 16.22 4.81 -6.72
CA PHE A 99 14.92 5.13 -7.30
C PHE A 99 14.19 6.19 -6.47
N LEU A 100 14.14 5.99 -5.15
CA LEU A 100 13.46 6.97 -4.32
C LEU A 100 14.16 8.32 -4.35
N ALA A 101 15.49 8.33 -4.40
CA ALA A 101 16.21 9.58 -4.55
C ALA A 101 15.84 10.29 -5.85
N GLN A 102 15.68 9.53 -6.94
CA GLN A 102 15.22 10.13 -8.19
C GLN A 102 13.79 10.64 -8.05
N GLN A 103 12.97 9.96 -7.27
CA GLN A 103 11.59 10.38 -7.08
C GLN A 103 11.53 11.70 -6.33
N THR A 104 12.32 11.87 -5.27
CA THR A 104 12.23 13.14 -4.56
C THR A 104 12.94 14.25 -5.31
N GLU A 105 13.90 13.90 -6.18
CA GLU A 105 14.48 14.89 -7.07
C GLU A 105 13.43 15.46 -8.01
N ARG A 106 12.69 14.59 -8.69
CA ARG A 106 11.55 15.04 -9.50
C ARG A 106 10.25 14.94 -8.70
N TRP A 177 6.57 12.08 -13.89
CA TRP A 177 7.01 11.01 -13.00
C TRP A 177 7.51 9.80 -13.79
N CYS A 178 7.65 8.68 -13.11
CA CYS A 178 7.99 7.41 -13.71
C CYS A 178 6.72 6.66 -14.10
N THR A 179 6.89 5.57 -14.85
CA THR A 179 5.73 4.82 -15.32
C THR A 179 5.35 3.73 -14.34
N ILE A 180 4.17 3.15 -14.55
CA ILE A 180 3.74 2.02 -13.72
C ILE A 180 4.70 0.85 -13.85
N GLU A 181 5.13 0.55 -15.07
CA GLU A 181 6.05 -0.56 -15.28
C GLU A 181 7.38 -0.32 -14.54
N GLN A 182 7.86 0.92 -14.57
CA GLN A 182 9.11 1.24 -13.88
C GLN A 182 8.98 1.06 -12.37
N ALA A 183 7.88 1.53 -11.80
CA ALA A 183 7.62 1.31 -10.37
C ALA A 183 7.61 -0.18 -10.02
N ILE A 184 6.87 -0.97 -10.82
CA ILE A 184 6.73 -2.39 -10.55
C ILE A 184 8.09 -3.07 -10.57
N ASP A 185 8.91 -2.74 -11.56
CA ASP A 185 10.23 -3.35 -11.71
C ASP A 185 11.12 -3.07 -10.51
N VAL A 186 11.17 -1.82 -10.06
CA VAL A 186 12.01 -1.51 -8.89
C VAL A 186 11.51 -2.24 -7.65
N ILE A 187 10.19 -2.25 -7.43
CA ILE A 187 9.64 -2.99 -6.28
C ILE A 187 10.05 -4.46 -6.35
N HIS A 188 9.89 -5.07 -7.52
CA HIS A 188 10.23 -6.48 -7.66
C HIS A 188 11.72 -6.74 -7.47
N HIS A 189 12.57 -5.86 -7.99
CA HIS A 189 14.01 -6.05 -7.83
C HIS A 189 14.40 -5.95 -6.36
N SER A 190 13.64 -5.19 -5.58
CA SER A 190 13.85 -5.02 -4.16
C SER A 190 13.25 -6.15 -3.34
N GLY A 191 12.63 -7.13 -3.99
CA GLY A 191 12.07 -8.26 -3.31
C GLY A 191 10.65 -8.10 -2.81
N GLY A 192 9.96 -7.02 -3.20
CA GLY A 192 8.63 -6.75 -2.72
C GLY A 192 7.55 -7.09 -3.74
N LYS A 193 6.32 -6.78 -3.36
CA LYS A 193 5.14 -7.01 -4.17
C LYS A 193 4.53 -5.66 -4.53
N ALA A 194 4.10 -5.50 -5.78
CA ALA A 194 3.56 -4.22 -6.24
C ALA A 194 2.03 -4.22 -6.15
N VAL A 195 1.49 -3.11 -5.65
CA VAL A 195 0.06 -2.99 -5.36
C VAL A 195 -0.47 -1.73 -6.01
N LEU A 196 -1.55 -1.87 -6.78
CA LEU A 196 -2.23 -0.70 -7.32
C LEU A 196 -3.06 -0.08 -6.18
N ALA A 197 -2.73 1.15 -5.80
CA ALA A 197 -3.37 1.76 -4.63
C ALA A 197 -4.68 2.42 -4.99
N HIS A 198 -5.61 2.43 -4.01
CA HIS A 198 -6.91 3.10 -3.98
C HIS A 198 -7.47 3.30 -5.39
N PRO A 199 -7.82 2.22 -6.10
CA PRO A 199 -8.22 2.38 -7.50
C PRO A 199 -9.49 3.21 -7.69
N GLY A 200 -10.41 3.20 -6.72
CA GLY A 200 -11.61 4.01 -6.82
C GLY A 200 -11.37 5.51 -6.81
N ARG A 201 -10.24 5.95 -6.23
CA ARG A 201 -9.97 7.38 -6.11
C ARG A 201 -9.56 8.02 -7.42
N TYR A 202 -9.24 7.25 -8.45
CA TYR A 202 -8.80 7.89 -9.67
C TYR A 202 -9.99 8.38 -10.48
N ASN A 203 -11.21 8.06 -10.03
CA ASN A 203 -12.46 8.54 -10.64
C ASN A 203 -12.53 8.18 -12.12
N LEU A 204 -12.04 7.01 -12.46
CA LEU A 204 -12.10 6.56 -13.84
C LEU A 204 -13.46 5.90 -14.10
N SER A 205 -13.90 5.95 -15.35
CA SER A 205 -15.05 5.16 -15.72
C SER A 205 -14.74 3.68 -15.51
N ALA A 206 -15.78 2.86 -15.49
CA ALA A 206 -15.59 1.41 -15.38
C ALA A 206 -14.64 0.91 -16.45
N LYS A 207 -14.82 1.39 -17.68
CA LYS A 207 -13.97 0.91 -18.78
C LYS A 207 -12.52 1.35 -18.62
N TRP A 208 -12.28 2.59 -18.20
CA TRP A 208 -10.89 3.02 -18.04
C TRP A 208 -10.26 2.42 -16.80
N LEU A 209 -11.03 2.19 -15.74
CA LEU A 209 -10.50 1.47 -14.60
C LEU A 209 -10.06 0.07 -15.01
N LYS A 210 -10.88 -0.59 -15.84
CA LYS A 210 -10.52 -1.91 -16.37
C LYS A 210 -9.23 -1.84 -17.17
N ARG A 211 -9.06 -0.79 -17.99
CA ARG A 211 -7.82 -0.68 -18.75
C ARG A 211 -6.61 -0.47 -17.85
N LEU A 212 -6.77 0.36 -16.81
CA LEU A 212 -5.69 0.55 -15.84
C LEU A 212 -5.31 -0.76 -15.18
N VAL A 213 -6.32 -1.50 -14.71
CA VAL A 213 -6.01 -2.75 -14.02
C VAL A 213 -5.39 -3.75 -14.99
N ALA A 214 -5.91 -3.83 -16.22
CA ALA A 214 -5.32 -4.74 -17.20
C ALA A 214 -3.88 -4.36 -17.50
N HIS A 215 -3.59 -3.06 -17.58
CA HIS A 215 -2.23 -2.60 -17.83
C HIS A 215 -1.32 -2.95 -16.67
N PHE A 216 -1.77 -2.68 -15.45
CA PHE A 216 -1.00 -3.02 -14.26
C PHE A 216 -0.67 -4.52 -14.22
N ALA A 217 -1.67 -5.38 -14.49
CA ALA A 217 -1.44 -6.83 -14.49
C ALA A 217 -0.51 -7.26 -15.63
N GLU A 218 -0.65 -6.64 -16.80
CA GLU A 218 0.17 -6.98 -17.96
C GLU A 218 1.65 -6.75 -17.65
N HIS A 219 1.95 -5.74 -16.83
CA HIS A 219 3.32 -5.42 -16.50
C HIS A 219 3.75 -6.02 -15.17
N HIS A 220 3.07 -7.09 -14.76
CA HIS A 220 3.47 -8.01 -13.70
C HIS A 220 3.14 -7.46 -12.32
N GLY A 221 2.20 -6.54 -12.22
CA GLY A 221 1.72 -6.13 -10.91
C GLY A 221 1.12 -7.30 -10.15
N ASP A 222 1.22 -7.25 -8.83
CA ASP A 222 0.86 -8.38 -7.99
C ASP A 222 -0.52 -8.27 -7.39
N ALA A 223 -0.94 -7.06 -7.05
CA ALA A 223 -2.12 -6.95 -6.21
C ALA A 223 -2.72 -5.57 -6.40
N MET A 224 -3.94 -5.43 -5.90
CA MET A 224 -4.67 -4.18 -5.96
CA MET A 224 -4.61 -4.15 -5.95
C MET A 224 -5.40 -3.96 -4.66
N GLU A 225 -5.40 -2.73 -4.17
CA GLU A 225 -6.14 -2.45 -2.95
C GLU A 225 -7.62 -2.59 -3.23
N VAL A 226 -8.27 -3.44 -2.45
CA VAL A 226 -9.68 -3.75 -2.61
C VAL A 226 -10.52 -3.13 -1.50
N ALA A 227 -9.99 -3.06 -0.29
CA ALA A 227 -10.74 -2.55 0.86
C ALA A 227 -10.10 -1.27 1.39
N GLN A 228 -10.95 -0.27 1.63
CA GLN A 228 -10.66 1.03 2.22
C GLN A 228 -11.66 1.28 3.34
N CYS A 229 -11.40 2.30 4.16
CA CYS A 229 -12.31 2.59 5.28
C CYS A 229 -13.66 3.12 4.80
N GLN A 230 -13.66 4.02 3.82
CA GLN A 230 -14.87 4.71 3.38
C GLN A 230 -15.22 4.12 2.01
N GLN A 231 -16.22 3.25 2.00
CA GLN A 231 -16.45 2.42 0.84
C GLN A 231 -17.85 1.81 0.86
N SER A 232 -18.59 1.95 -0.23
CA SER A 232 -19.85 1.24 -0.38
C SER A 232 -19.56 -0.25 -0.56
N PRO A 233 -20.45 -1.11 -0.04
CA PRO A 233 -20.24 -2.56 -0.24
C PRO A 233 -20.06 -2.92 -1.71
N ASN A 234 -20.78 -2.23 -2.61
CA ASN A 234 -20.67 -2.46 -4.04
C ASN A 234 -19.26 -2.23 -4.56
N GLU A 235 -18.63 -1.11 -4.19
CA GLU A 235 -17.28 -0.85 -4.69
C GLU A 235 -16.33 -1.95 -4.26
N ARG A 236 -16.43 -2.40 -3.02
CA ARG A 236 -15.49 -3.40 -2.53
C ARG A 236 -15.62 -4.71 -3.29
N THR A 237 -16.85 -5.17 -3.55
CA THR A 237 -17.00 -6.42 -4.27
C THR A 237 -16.67 -6.27 -5.76
N GLN A 238 -16.97 -5.12 -6.35
CA GLN A 238 -16.52 -4.86 -7.72
C GLN A 238 -15.00 -4.93 -7.83
N LEU A 239 -14.29 -4.32 -6.91
CA LEU A 239 -12.83 -4.33 -6.98
C LEU A 239 -12.26 -5.73 -6.77
N ALA A 240 -12.85 -6.49 -5.85
CA ALA A 240 -12.36 -7.84 -5.61
C ALA A 240 -12.55 -8.71 -6.85
N ALA A 241 -13.69 -8.55 -7.53
CA ALA A 241 -13.91 -9.30 -8.76
C ALA A 241 -12.98 -8.85 -9.86
N LEU A 242 -12.69 -7.55 -9.94
CA LEU A 242 -11.72 -7.07 -10.91
C LEU A 242 -10.33 -7.62 -10.62
N ALA A 243 -9.93 -7.66 -9.34
CA ALA A 243 -8.64 -8.26 -8.99
C ALA A 243 -8.59 -9.72 -9.41
N ARG A 244 -9.61 -10.50 -9.03
CA ARG A 244 -9.64 -11.92 -9.37
C ARG A 244 -9.59 -12.14 -10.87
N GLN A 245 -10.33 -11.30 -11.62
CA GLN A 245 -10.40 -11.40 -13.08
C GLN A 245 -9.00 -11.40 -13.70
N HIS A 246 -8.08 -10.62 -13.13
CA HIS A 246 -6.74 -10.46 -13.69
C HIS A 246 -5.71 -11.24 -12.91
N HIS A 247 -6.14 -12.14 -12.03
CA HIS A 247 -5.26 -12.97 -11.23
C HIS A 247 -4.33 -12.09 -10.38
N LEU A 248 -4.91 -11.05 -9.79
CA LEU A 248 -4.21 -10.21 -8.82
C LEU A 248 -4.67 -10.55 -7.42
N TRP A 249 -3.76 -10.43 -6.47
CA TRP A 249 -4.15 -10.57 -5.07
C TRP A 249 -4.77 -9.27 -4.59
N ALA A 250 -5.39 -9.31 -3.42
CA ALA A 250 -6.11 -8.15 -2.90
C ALA A 250 -5.36 -7.56 -1.72
N SER A 251 -5.26 -6.25 -1.67
CA SER A 251 -4.70 -5.62 -0.48
C SER A 251 -5.80 -4.83 0.22
N GLN A 252 -5.50 -4.39 1.42
CA GLN A 252 -6.44 -3.59 2.21
C GLN A 252 -5.64 -2.59 3.03
N GLY A 253 -6.15 -1.37 3.11
CA GLY A 253 -5.38 -0.36 3.79
C GLY A 253 -6.25 0.83 4.11
N SER A 254 -5.92 1.52 5.20
CA SER A 254 -6.71 2.68 5.59
C SER A 254 -6.26 3.95 4.89
N ASP A 255 -5.00 4.00 4.43
CA ASP A 255 -4.39 5.23 3.96
C ASP A 255 -4.41 6.28 5.06
N PHE A 256 -4.19 5.82 6.29
CA PHE A 256 -4.20 6.72 7.44
C PHE A 256 -3.13 7.79 7.33
N HIS A 257 -3.54 9.05 7.54
CA HIS A 257 -2.62 10.18 7.68
C HIS A 257 -2.69 10.81 9.06
N GLN A 258 -3.89 11.07 9.56
CA GLN A 258 -4.10 11.72 10.85
C GLN A 258 -5.42 11.24 11.43
N PRO A 259 -5.58 11.26 12.74
CA PRO A 259 -6.88 10.95 13.34
C PRO A 259 -7.99 11.81 12.75
N CYS A 260 -9.09 11.17 12.34
CA CYS A 260 -10.23 11.85 11.75
C CYS A 260 -11.42 10.90 11.72
N PRO A 261 -12.63 11.43 11.57
CA PRO A 261 -13.82 10.57 11.58
C PRO A 261 -13.86 9.43 10.57
N TRP A 262 -13.36 9.65 9.36
CA TRP A 262 -13.66 8.75 8.25
C TRP A 262 -12.60 7.70 7.99
N ILE A 263 -11.39 7.87 8.52
CA ILE A 263 -10.30 6.92 8.31
C ILE A 263 -9.73 6.55 9.68
N GLU A 264 -9.53 5.26 9.91
CA GLU A 264 -8.88 4.77 11.12
C GLU A 264 -8.10 3.51 10.79
N LEU A 265 -6.97 3.30 11.48
CA LEU A 265 -6.18 2.10 11.27
C LEU A 265 -7.03 0.86 11.45
N GLY A 266 -7.02 -0.01 10.43
CA GLY A 266 -7.71 -1.27 10.47
C GLY A 266 -9.21 -1.23 10.28
N ARG A 267 -9.84 -0.05 10.30
CA ARG A 267 -11.28 -0.02 10.43
C ARG A 267 -12.00 -0.47 9.17
N LYS A 268 -12.87 -1.47 9.34
CA LYS A 268 -13.70 -1.99 8.25
C LYS A 268 -12.89 -2.61 7.13
N LEU A 269 -11.65 -3.02 7.40
CA LEU A 269 -10.81 -3.66 6.40
C LEU A 269 -10.98 -5.17 6.50
N TRP A 270 -11.51 -5.75 5.44
CA TRP A 270 -11.69 -7.18 5.30
C TRP A 270 -11.89 -7.45 3.81
N LEU A 271 -11.60 -8.69 3.42
CA LEU A 271 -11.80 -8.98 2.01
C LEU A 271 -13.07 -9.77 1.79
N PRO A 272 -13.83 -9.45 0.75
CA PRO A 272 -14.97 -10.30 0.37
C PRO A 272 -14.46 -11.66 -0.09
N ALA A 273 -15.39 -12.60 -0.21
CA ALA A 273 -15.05 -13.91 -0.74
C ALA A 273 -14.67 -13.80 -2.20
N GLY A 274 -13.83 -14.73 -2.65
CA GLY A 274 -13.47 -14.82 -4.06
C GLY A 274 -12.15 -14.20 -4.44
N VAL A 275 -11.38 -13.70 -3.47
CA VAL A 275 -10.05 -13.14 -3.73
C VAL A 275 -9.18 -13.39 -2.50
N GLU A 276 -7.89 -13.65 -2.72
CA GLU A 276 -6.93 -13.93 -1.66
C GLU A 276 -6.13 -12.69 -1.32
N GLY A 277 -5.71 -12.58 -0.05
CA GLY A 277 -4.97 -11.41 0.39
C GLY A 277 -3.53 -11.40 -0.08
N VAL A 278 -3.01 -10.19 -0.33
CA VAL A 278 -1.65 -10.06 -0.88
C VAL A 278 -0.61 -10.63 0.07
N TRP A 279 -0.92 -10.69 1.37
CA TRP A 279 0.04 -11.19 2.34
C TRP A 279 0.36 -12.66 2.11
N GLN A 280 -0.50 -13.40 1.41
CA GLN A 280 -0.17 -14.78 1.03
C GLN A 280 1.11 -14.86 0.21
N LEU A 281 1.43 -13.81 -0.56
CA LEU A 281 2.57 -13.87 -1.47
C LEU A 281 3.91 -13.87 -0.75
N TRP A 282 3.97 -13.40 0.50
CA TRP A 282 5.19 -13.52 1.28
C TRP A 282 5.05 -14.41 2.50
N GLU A 283 3.83 -14.72 2.93
CA GLU A 283 3.61 -15.59 4.07
C GLU A 283 3.77 -17.05 3.69
N GLN A 284 3.62 -17.38 2.42
CA GLN A 284 3.74 -18.75 1.94
C GLN A 284 4.11 -18.74 0.46
#